data_1V0B
#
_entry.id   1V0B
#
_cell.length_a   55.290
_cell.length_b   94.653
_cell.length_c   133.229
_cell.angle_alpha   90.00
_cell.angle_beta   99.19
_cell.angle_gamma   90.00
#
_symmetry.space_group_name_H-M   'C 1 2 1'
#
loop_
_entity.id
_entity.type
_entity.pdbx_description
1 polymer 'CELL DIVISION CONTROL PROTEIN 2 HOMOLOG'
2 water water
#
_entity_poly.entity_id   1
_entity_poly.type   'polypeptide(L)'
_entity_poly.pdbx_seq_one_letter_code
;MEKYHGLEKIGEGTYGVVYKAQNNYGETFALKKIRLEKEDEGIPSTTIREISILKELKHSNIVKLYDVIHTKKRLVLVFE
HLDQDLKKLLDVCEGGLESVTAKSFLLQLLNGIAYCHDRRVLHRDLKPQNLLINREGELKIADFGLARAFGIPVRKYTHE
VVTLWYRAPDVLMGSKKYSTTIDIWSVGCIFAEMVNGAPLFPGVSEADQLMRIFRILGTPNSKNWPNVTELPKYDPNFTV
YEPLPWESFLKGLDESGIDLLSKMLKLDPNQRITAKQALEHAYFKENN
;
_entity_poly.pdbx_strand_id   A,B
#
# COMPACT_ATOMS: atom_id res chain seq x y z
N MET A 1 -48.98 -27.32 -9.62
CA MET A 1 -48.05 -26.49 -8.81
C MET A 1 -48.26 -25.02 -9.10
N GLU A 2 -48.42 -24.22 -8.05
CA GLU A 2 -48.40 -22.76 -8.16
C GLU A 2 -49.31 -22.31 -9.30
N LYS A 3 -50.24 -23.18 -9.69
CA LYS A 3 -51.00 -22.92 -10.88
C LYS A 3 -50.14 -22.65 -12.18
N TYR A 4 -49.52 -23.69 -12.73
CA TYR A 4 -48.85 -23.58 -14.04
C TYR A 4 -49.38 -24.72 -14.89
N HIS A 5 -49.57 -24.47 -16.19
CA HIS A 5 -50.08 -25.51 -17.08
C HIS A 5 -49.42 -25.47 -18.44
N GLY A 6 -49.70 -26.46 -19.25
CA GLY A 6 -49.14 -26.56 -20.58
C GLY A 6 -47.64 -26.80 -20.59
N LEU A 7 -47.11 -27.53 -19.62
CA LEU A 7 -45.68 -27.80 -19.61
C LEU A 7 -45.32 -28.39 -20.96
N GLU A 8 -44.06 -28.23 -21.36
CA GLU A 8 -43.59 -28.75 -22.63
C GLU A 8 -42.11 -28.87 -22.48
N LYS A 9 -41.57 -30.08 -22.55
CA LYS A 9 -40.13 -30.25 -22.42
C LYS A 9 -39.48 -29.38 -23.47
N ILE A 10 -38.44 -28.66 -23.09
CA ILE A 10 -37.71 -27.84 -24.06
C ILE A 10 -36.22 -28.01 -23.92
N GLY A 11 -35.77 -28.97 -23.12
CA GLY A 11 -34.33 -29.21 -22.95
C GLY A 11 -33.97 -29.94 -21.67
N GLU A 12 -32.66 -30.16 -21.47
CA GLU A 12 -32.17 -30.84 -20.27
C GLU A 12 -30.96 -30.15 -19.70
N GLY A 13 -31.21 -29.37 -18.67
CA GLY A 13 -30.18 -28.65 -17.96
C GLY A 13 -29.36 -29.59 -17.11
N THR A 14 -28.30 -29.02 -16.53
CA THR A 14 -27.37 -29.78 -15.73
C THR A 14 -27.94 -30.23 -14.38
N TYR A 15 -29.11 -29.69 -13.99
CA TYR A 15 -29.78 -30.05 -12.74
C TYR A 15 -31.18 -30.62 -12.93
N GLY A 16 -31.55 -31.00 -14.15
CA GLY A 16 -32.88 -31.52 -14.41
C GLY A 16 -33.48 -31.07 -15.72
N VAL A 17 -34.75 -31.36 -15.96
CA VAL A 17 -35.38 -31.04 -17.23
C VAL A 17 -36.00 -29.63 -17.19
N VAL A 18 -36.05 -28.96 -18.34
CA VAL A 18 -36.61 -27.62 -18.44
C VAL A 18 -37.85 -27.62 -19.32
N TYR A 19 -38.91 -27.00 -18.81
CA TYR A 19 -40.17 -26.91 -19.51
C TYR A 19 -40.59 -25.48 -19.77
N LYS A 20 -41.32 -25.26 -20.86
CA LYS A 20 -41.96 -24.00 -21.11
C LYS A 20 -43.36 -24.11 -20.53
N ALA A 21 -43.79 -23.11 -19.78
CA ALA A 21 -45.10 -23.16 -19.22
C ALA A 21 -45.72 -21.81 -19.13
N GLN A 22 -46.99 -21.84 -18.80
CA GLN A 22 -47.77 -20.64 -18.55
C GLN A 22 -48.46 -20.69 -17.20
N ASN A 23 -48.67 -19.49 -16.66
CA ASN A 23 -49.38 -19.30 -15.41
C ASN A 23 -50.86 -18.99 -15.70
N ASN A 24 -51.53 -18.23 -14.83
CA ASN A 24 -52.93 -17.87 -15.04
C ASN A 24 -53.06 -16.36 -15.31
N TYR A 25 -52.26 -15.96 -16.30
CA TYR A 25 -52.16 -14.60 -16.78
C TYR A 25 -51.75 -14.73 -18.22
N GLY A 26 -51.70 -15.97 -18.70
CA GLY A 26 -51.24 -16.25 -20.05
C GLY A 26 -49.72 -16.11 -20.27
N GLU A 27 -49.05 -15.45 -19.32
CA GLU A 27 -47.60 -15.21 -19.44
C GLU A 27 -46.72 -16.46 -19.32
N THR A 28 -45.70 -16.53 -20.17
CA THR A 28 -44.83 -17.68 -20.29
C THR A 28 -43.62 -17.65 -19.34
N PHE A 29 -43.17 -18.84 -18.95
CA PHE A 29 -42.01 -19.00 -18.08
C PHE A 29 -41.28 -20.27 -18.44
N ALA A 30 -40.05 -20.42 -17.94
CA ALA A 30 -39.30 -21.65 -18.03
C ALA A 30 -39.24 -22.26 -16.65
N LEU A 31 -39.70 -23.50 -16.52
CA LEU A 31 -39.66 -24.25 -15.27
C LEU A 31 -38.58 -25.29 -15.24
N LYS A 32 -37.65 -25.16 -14.30
CA LYS A 32 -36.54 -26.10 -14.20
C LYS A 32 -36.72 -27.04 -13.00
N LYS A 33 -36.97 -28.31 -13.28
CA LYS A 33 -37.11 -29.30 -12.22
C LYS A 33 -35.74 -29.69 -11.70
N ILE A 34 -35.49 -29.37 -10.45
CA ILE A 34 -34.18 -29.63 -9.88
C ILE A 34 -33.97 -31.00 -9.32
N ARG A 35 -33.25 -31.61 -9.97
CA ARG A 35 -32.89 -32.97 -9.62
C ARG A 35 -31.54 -32.74 -8.93
N LEU A 36 -31.35 -33.20 -7.63
CA LEU A 36 -30.16 -32.73 -6.95
C LEU A 36 -29.30 -33.86 -6.40
N GLU A 37 -28.16 -33.47 -5.84
CA GLU A 37 -27.16 -34.37 -5.31
C GLU A 37 -27.82 -35.60 -4.71
N LYS A 38 -28.36 -35.45 -3.52
CA LYS A 38 -29.04 -36.55 -2.86
C LYS A 38 -30.51 -36.22 -2.90
N GLU A 39 -31.26 -36.91 -3.74
CA GLU A 39 -32.68 -36.64 -3.89
C GLU A 39 -33.52 -37.22 -2.75
N ASP A 40 -33.10 -38.38 -2.26
CA ASP A 40 -33.83 -39.05 -1.19
C ASP A 40 -33.54 -38.47 0.19
N GLU A 41 -32.57 -37.56 0.29
CA GLU A 41 -32.20 -36.95 1.57
C GLU A 41 -32.97 -35.64 1.84
N GLY A 42 -33.93 -35.31 0.99
CA GLY A 42 -34.70 -34.09 1.15
C GLY A 42 -33.92 -32.87 0.72
N ILE A 43 -34.52 -31.70 0.84
CA ILE A 43 -33.86 -30.45 0.46
C ILE A 43 -33.66 -29.66 1.71
N PRO A 44 -32.43 -29.45 2.12
CA PRO A 44 -32.14 -28.66 3.31
C PRO A 44 -32.68 -27.25 3.19
N SER A 45 -33.04 -26.65 4.34
CA SER A 45 -33.59 -25.30 4.37
C SER A 45 -32.61 -24.25 3.92
N THR A 46 -31.32 -24.48 4.17
CA THR A 46 -30.31 -23.50 3.76
C THR A 46 -30.22 -23.40 2.24
N THR A 47 -30.49 -24.51 1.55
CA THR A 47 -30.47 -24.54 0.08
C THR A 47 -31.59 -23.66 -0.44
N ILE A 48 -32.80 -23.89 0.08
CA ILE A 48 -33.97 -23.10 -0.31
C ILE A 48 -33.66 -21.63 -0.18
N ARG A 49 -33.09 -21.25 0.96
CA ARG A 49 -32.73 -19.87 1.22
C ARG A 49 -31.66 -19.36 0.23
N GLU A 50 -30.63 -20.13 0.01
CA GLU A 50 -29.58 -19.71 -0.90
C GLU A 50 -30.14 -19.44 -2.32
N ILE A 51 -31.01 -20.32 -2.80
CA ILE A 51 -31.60 -20.15 -4.09
C ILE A 51 -32.50 -18.92 -4.17
N SER A 52 -33.31 -18.73 -3.12
CA SER A 52 -34.26 -17.62 -3.11
C SER A 52 -33.55 -16.28 -3.17
N ILE A 53 -32.34 -16.16 -2.63
CA ILE A 53 -31.66 -14.88 -2.70
C ILE A 53 -31.24 -14.56 -4.14
N LEU A 54 -31.12 -15.59 -4.98
CA LEU A 54 -30.73 -15.39 -6.38
C LEU A 54 -31.81 -14.56 -7.08
N LYS A 55 -32.95 -14.42 -6.43
CA LYS A 55 -34.01 -13.56 -6.96
C LYS A 55 -33.62 -12.07 -6.99
N GLU A 56 -32.56 -11.71 -6.29
CA GLU A 56 -32.10 -10.32 -6.31
C GLU A 56 -31.23 -10.00 -7.51
N LEU A 57 -30.86 -11.02 -8.29
CA LEU A 57 -30.04 -10.78 -9.46
C LEU A 57 -30.92 -10.24 -10.53
N LYS A 58 -30.93 -8.93 -10.68
CA LYS A 58 -31.79 -8.27 -11.69
C LYS A 58 -30.93 -7.44 -12.64
N HIS A 59 -30.69 -7.98 -13.82
CA HIS A 59 -29.84 -7.33 -14.81
C HIS A 59 -30.27 -7.81 -16.17
N SER A 60 -30.09 -6.96 -17.18
CA SER A 60 -30.56 -7.26 -18.52
C SER A 60 -29.93 -8.51 -19.17
N ASN A 61 -28.75 -8.91 -18.70
CA ASN A 61 -28.10 -10.10 -19.24
C ASN A 61 -28.01 -11.32 -18.31
N ILE A 62 -28.88 -11.35 -17.30
CA ILE A 62 -29.01 -12.48 -16.38
C ILE A 62 -30.48 -12.99 -16.44
N VAL A 63 -30.67 -14.27 -16.67
CA VAL A 63 -32.01 -14.87 -16.65
C VAL A 63 -32.63 -14.67 -15.27
N LYS A 64 -33.74 -13.92 -15.23
CA LYS A 64 -34.42 -13.60 -14.00
C LYS A 64 -35.10 -14.83 -13.36
N LEU A 65 -34.95 -14.97 -12.07
CA LEU A 65 -35.62 -16.04 -11.27
C LEU A 65 -36.85 -15.41 -10.64
N TYR A 66 -38.03 -15.97 -10.89
CA TYR A 66 -39.28 -15.39 -10.33
C TYR A 66 -39.77 -16.09 -9.05
N ASP A 67 -39.54 -17.37 -8.94
CA ASP A 67 -40.14 -18.11 -7.84
C ASP A 67 -39.44 -19.41 -7.57
N VAL A 68 -39.45 -19.83 -6.32
CA VAL A 68 -38.87 -21.06 -5.89
C VAL A 68 -39.99 -21.89 -5.29
N ILE A 69 -40.36 -22.98 -5.96
CA ILE A 69 -41.43 -23.83 -5.54
C ILE A 69 -40.91 -25.12 -4.92
N HIS A 70 -41.15 -25.27 -3.63
CA HIS A 70 -40.68 -26.42 -2.86
C HIS A 70 -41.84 -27.24 -2.40
N THR A 71 -42.04 -28.40 -3.01
CA THR A 71 -43.09 -29.30 -2.56
C THR A 71 -42.50 -30.69 -2.39
N LYS A 72 -43.02 -31.41 -1.40
CA LYS A 72 -42.56 -32.74 -1.05
C LYS A 72 -41.61 -33.38 -2.07
N LYS A 73 -40.34 -33.16 -1.77
CA LYS A 73 -39.18 -33.65 -2.51
C LYS A 73 -39.38 -33.41 -3.98
N ARG A 74 -39.47 -32.12 -4.28
CA ARG A 74 -39.79 -31.62 -5.61
C ARG A 74 -39.50 -30.13 -5.58
N LEU A 75 -38.37 -29.75 -6.18
CA LEU A 75 -37.96 -28.36 -6.22
C LEU A 75 -38.02 -27.84 -7.64
N VAL A 76 -38.84 -26.81 -7.84
CA VAL A 76 -39.00 -26.22 -9.16
C VAL A 76 -38.66 -24.74 -9.15
N LEU A 77 -37.87 -24.34 -10.13
CA LEU A 77 -37.43 -22.97 -10.28
C LEU A 77 -38.14 -22.34 -11.47
N VAL A 78 -38.79 -21.21 -11.24
CA VAL A 78 -39.51 -20.47 -12.29
C VAL A 78 -38.68 -19.30 -12.82
N PHE A 79 -38.30 -19.40 -14.09
CA PHE A 79 -37.38 -18.47 -14.69
C PHE A 79 -38.00 -17.75 -15.86
N GLU A 80 -37.37 -16.64 -16.20
CA GLU A 80 -37.66 -15.91 -17.41
C GLU A 80 -37.41 -16.91 -18.56
N HIS A 81 -38.21 -16.86 -19.59
CA HIS A 81 -38.04 -17.78 -20.70
C HIS A 81 -37.43 -17.19 -21.99
N LEU A 82 -36.47 -17.87 -22.57
CA LEU A 82 -35.86 -17.47 -23.85
C LEU A 82 -35.90 -18.66 -24.82
N ASP A 83 -36.09 -18.43 -26.12
CA ASP A 83 -36.29 -19.55 -27.05
C ASP A 83 -35.07 -20.11 -27.75
N GLN A 84 -33.92 -19.57 -27.46
CA GLN A 84 -32.75 -20.06 -28.12
C GLN A 84 -31.56 -19.96 -27.21
N ASP A 85 -30.52 -20.72 -27.52
CA ASP A 85 -29.27 -20.67 -26.77
C ASP A 85 -28.07 -20.72 -27.75
N LEU A 86 -26.94 -20.26 -27.30
CA LEU A 86 -25.73 -20.18 -28.11
C LEU A 86 -25.23 -21.52 -28.64
N LYS A 87 -25.40 -22.58 -27.89
CA LYS A 87 -24.95 -23.84 -28.37
C LYS A 87 -25.70 -24.29 -29.64
N LYS A 88 -27.01 -24.08 -29.62
CA LYS A 88 -27.87 -24.48 -30.72
C LYS A 88 -27.50 -23.70 -31.98
N LEU A 89 -27.17 -22.44 -31.75
CA LEU A 89 -26.74 -21.55 -32.82
C LEU A 89 -25.31 -21.93 -33.43
N LEU A 90 -24.40 -22.31 -32.56
CA LEU A 90 -23.07 -22.70 -33.00
C LEU A 90 -23.10 -24.01 -33.75
N ASP A 91 -23.99 -24.89 -33.30
CA ASP A 91 -24.21 -26.17 -33.92
C ASP A 91 -24.62 -26.04 -35.38
N VAL A 92 -25.48 -25.09 -35.71
CA VAL A 92 -25.96 -24.96 -37.09
C VAL A 92 -25.04 -24.15 -37.99
N CYS A 93 -24.14 -23.38 -37.40
CA CYS A 93 -23.28 -22.52 -38.13
C CYS A 93 -22.02 -23.24 -38.59
N GLU A 94 -21.43 -22.70 -39.65
CA GLU A 94 -20.20 -23.22 -40.18
C GLU A 94 -19.20 -22.11 -40.05
N GLY A 95 -18.12 -22.36 -39.34
CA GLY A 95 -17.07 -21.34 -39.21
C GLY A 95 -17.35 -20.28 -38.14
N GLY A 96 -18.40 -20.47 -37.38
CA GLY A 96 -18.69 -19.55 -36.30
C GLY A 96 -19.63 -18.40 -36.60
N LEU A 97 -19.54 -17.37 -35.78
CA LEU A 97 -20.43 -16.23 -35.88
C LEU A 97 -19.72 -15.06 -36.55
N GLU A 98 -20.50 -14.15 -37.14
CA GLU A 98 -19.88 -12.99 -37.79
C GLU A 98 -19.34 -12.11 -36.70
N SER A 99 -18.28 -11.40 -37.00
CA SER A 99 -17.52 -10.68 -35.98
C SER A 99 -18.40 -9.76 -35.18
N VAL A 100 -19.25 -8.97 -35.83
CA VAL A 100 -20.08 -8.02 -35.13
C VAL A 100 -20.99 -8.69 -34.11
N THR A 101 -21.45 -9.90 -34.41
CA THR A 101 -22.35 -10.62 -33.54
C THR A 101 -21.57 -11.24 -32.39
N ALA A 102 -20.39 -11.75 -32.70
CA ALA A 102 -19.55 -12.33 -31.68
C ALA A 102 -19.27 -11.24 -30.63
N LYS A 103 -18.91 -10.05 -31.11
CA LYS A 103 -18.61 -8.93 -30.21
C LYS A 103 -19.78 -8.59 -29.29
N SER A 104 -20.96 -8.41 -29.88
CA SER A 104 -22.16 -8.13 -29.11
C SER A 104 -22.44 -9.30 -28.11
N PHE A 105 -22.36 -10.53 -28.51
CA PHE A 105 -22.58 -11.60 -27.54
C PHE A 105 -21.53 -11.51 -26.44
N LEU A 106 -20.27 -11.30 -26.81
CA LEU A 106 -19.18 -11.16 -25.81
C LEU A 106 -19.41 -10.02 -24.83
N LEU A 107 -19.76 -8.85 -25.35
CA LEU A 107 -20.06 -7.69 -24.49
C LEU A 107 -21.15 -7.98 -23.42
N GLN A 108 -22.27 -8.57 -23.88
CA GLN A 108 -23.41 -8.82 -23.06
C GLN A 108 -23.09 -9.90 -22.02
N LEU A 109 -22.32 -10.90 -22.42
CA LEU A 109 -21.90 -11.97 -21.50
C LEU A 109 -21.04 -11.34 -20.38
N LEU A 110 -20.10 -10.50 -20.75
CA LEU A 110 -19.25 -9.85 -19.79
C LEU A 110 -20.02 -8.98 -18.81
N ASN A 111 -20.98 -8.20 -19.33
CA ASN A 111 -21.80 -7.35 -18.47
C ASN A 111 -22.56 -8.18 -17.41
N GLY A 112 -23.15 -9.26 -17.84
CA GLY A 112 -23.82 -10.15 -16.92
C GLY A 112 -22.89 -10.71 -15.88
N ILE A 113 -21.72 -11.16 -16.31
CA ILE A 113 -20.77 -11.76 -15.40
C ILE A 113 -20.32 -10.72 -14.37
N ALA A 114 -20.01 -9.52 -14.86
CA ALA A 114 -19.52 -8.44 -14.03
C ALA A 114 -20.49 -8.05 -12.90
N TYR A 115 -21.79 -7.95 -13.24
CA TYR A 115 -22.84 -7.63 -12.29
C TYR A 115 -22.87 -8.70 -11.18
N CYS A 116 -22.73 -9.96 -11.56
CA CYS A 116 -22.73 -11.07 -10.59
C CYS A 116 -21.46 -11.12 -9.74
N HIS A 117 -20.32 -10.92 -10.38
CA HIS A 117 -19.06 -11.01 -9.69
C HIS A 117 -18.97 -9.91 -8.66
N ASP A 118 -19.58 -8.77 -8.92
CA ASP A 118 -19.50 -7.65 -7.97
C ASP A 118 -20.25 -8.01 -6.71
N ARG A 119 -21.18 -8.97 -6.82
CA ARG A 119 -21.97 -9.42 -5.69
C ARG A 119 -21.47 -10.76 -5.15
N ARG A 120 -20.30 -11.17 -5.58
CA ARG A 120 -19.70 -12.46 -5.15
C ARG A 120 -20.53 -13.66 -5.54
N VAL A 121 -21.21 -13.58 -6.66
CA VAL A 121 -21.97 -14.74 -7.13
C VAL A 121 -21.18 -15.35 -8.29
N LEU A 122 -20.84 -16.64 -8.17
CA LEU A 122 -20.06 -17.31 -9.20
C LEU A 122 -20.93 -18.20 -10.03
N HIS A 123 -20.44 -18.57 -11.24
CA HIS A 123 -21.20 -19.53 -12.06
C HIS A 123 -20.56 -20.92 -11.97
N ARG A 124 -19.29 -21.00 -12.38
CA ARG A 124 -18.49 -22.22 -12.35
C ARG A 124 -18.89 -23.24 -13.39
N ASP A 125 -19.90 -22.93 -14.21
CA ASP A 125 -20.36 -23.85 -15.27
C ASP A 125 -20.78 -23.10 -16.53
N LEU A 126 -20.04 -22.05 -16.89
CA LEU A 126 -20.40 -21.31 -18.13
C LEU A 126 -20.08 -22.06 -19.38
N LYS A 127 -21.00 -22.02 -20.31
CA LYS A 127 -20.86 -22.73 -21.56
C LYS A 127 -21.93 -22.25 -22.50
N PRO A 128 -21.79 -22.52 -23.81
CA PRO A 128 -22.76 -22.04 -24.78
C PRO A 128 -24.22 -22.37 -24.47
N GLN A 129 -24.49 -23.55 -23.96
CA GLN A 129 -25.84 -23.94 -23.64
C GLN A 129 -26.52 -23.04 -22.58
N ASN A 130 -25.75 -22.44 -21.68
CA ASN A 130 -26.29 -21.54 -20.68
C ASN A 130 -26.40 -20.11 -21.12
N LEU A 131 -26.03 -19.82 -22.34
CA LEU A 131 -26.18 -18.45 -22.82
C LEU A 131 -27.41 -18.41 -23.66
N LEU A 132 -28.48 -17.86 -23.13
CA LEU A 132 -29.75 -17.84 -23.84
C LEU A 132 -29.91 -16.56 -24.69
N ILE A 133 -30.58 -16.68 -25.82
CA ILE A 133 -30.73 -15.56 -26.75
C ILE A 133 -32.16 -15.42 -27.23
N ASN A 134 -32.66 -14.20 -27.26
CA ASN A 134 -34.03 -13.93 -27.75
C ASN A 134 -34.03 -13.49 -29.21
N ARG A 135 -35.20 -13.14 -29.74
CA ARG A 135 -35.34 -12.69 -31.14
C ARG A 135 -34.42 -11.54 -31.53
N GLU A 136 -34.39 -10.52 -30.71
CA GLU A 136 -33.62 -9.30 -30.96
C GLU A 136 -32.10 -9.40 -30.73
N GLY A 137 -31.55 -10.62 -30.56
CA GLY A 137 -30.13 -10.75 -30.32
C GLY A 137 -29.66 -10.34 -28.93
N GLU A 138 -30.58 -10.28 -27.96
CA GLU A 138 -30.21 -10.03 -26.59
C GLU A 138 -29.73 -11.35 -25.96
N LEU A 139 -28.66 -11.28 -25.18
CA LEU A 139 -28.12 -12.45 -24.54
C LEU A 139 -28.33 -12.46 -23.03
N LYS A 140 -28.83 -13.57 -22.52
CA LYS A 140 -29.01 -13.69 -21.06
C LYS A 140 -28.34 -14.95 -20.53
N ILE A 141 -27.57 -14.84 -19.45
CA ILE A 141 -26.89 -16.02 -18.86
C ILE A 141 -27.82 -16.73 -17.89
N ALA A 142 -27.91 -18.04 -18.01
CA ALA A 142 -28.69 -18.85 -17.12
C ALA A 142 -27.79 -19.60 -16.14
N ASP A 143 -28.28 -19.81 -14.91
CA ASP A 143 -27.66 -20.67 -13.91
C ASP A 143 -26.61 -20.07 -12.98
N PHE A 144 -26.38 -18.79 -13.08
CA PHE A 144 -25.48 -18.17 -12.14
C PHE A 144 -25.96 -18.47 -10.71
N GLY A 145 -25.02 -18.90 -9.89
CA GLY A 145 -25.28 -19.12 -8.49
C GLY A 145 -25.82 -20.46 -8.11
N LEU A 146 -26.27 -21.26 -9.07
CA LEU A 146 -26.79 -22.58 -8.72
C LEU A 146 -25.67 -23.54 -8.23
N ALA A 147 -24.46 -23.42 -8.78
CA ALA A 147 -23.39 -24.32 -8.36
C ALA A 147 -23.11 -24.20 -6.84
N ARG A 148 -23.11 -22.99 -6.32
CA ARG A 148 -22.88 -22.82 -4.91
C ARG A 148 -24.00 -23.47 -4.11
N ALA A 149 -25.24 -23.26 -4.53
CA ALA A 149 -26.39 -23.78 -3.82
C ALA A 149 -26.57 -25.30 -3.95
N PHE A 150 -26.31 -25.84 -5.14
CA PHE A 150 -26.56 -27.25 -5.40
C PHE A 150 -25.30 -28.10 -5.44
N GLY A 151 -24.15 -27.48 -5.57
CA GLY A 151 -22.93 -28.23 -5.75
C GLY A 151 -22.84 -28.63 -7.22
N ILE A 152 -21.65 -28.97 -7.67
CA ILE A 152 -21.47 -29.36 -9.07
C ILE A 152 -21.38 -30.87 -9.13
N PRO A 153 -22.37 -31.46 -9.77
CA PRO A 153 -22.45 -32.90 -9.92
C PRO A 153 -21.65 -33.41 -11.11
N VAL A 154 -21.46 -34.72 -11.13
CA VAL A 154 -20.84 -35.38 -12.27
C VAL A 154 -22.02 -35.69 -13.17
N ARG A 155 -22.09 -35.03 -14.32
CA ARG A 155 -23.24 -35.16 -15.23
C ARG A 155 -23.21 -36.41 -16.09
N LYS A 156 -24.31 -36.66 -16.82
CA LYS A 156 -24.39 -37.79 -17.75
C LYS A 156 -23.18 -37.65 -18.69
N TYR A 157 -22.63 -38.77 -19.15
CA TYR A 157 -21.43 -38.79 -19.95
C TYR A 157 -21.29 -37.63 -20.94
N THR A 158 -22.20 -37.58 -21.89
CA THR A 158 -22.19 -36.58 -22.90
C THR A 158 -22.19 -35.15 -22.37
N HIS A 159 -22.72 -34.92 -21.19
CA HIS A 159 -22.74 -33.56 -20.64
C HIS A 159 -21.45 -33.21 -19.92
N GLU A 160 -20.89 -34.16 -19.15
CA GLU A 160 -19.69 -33.94 -18.43
C GLU A 160 -18.60 -33.62 -19.49
N VAL A 161 -18.63 -34.30 -20.61
CA VAL A 161 -17.61 -34.09 -21.65
C VAL A 161 -17.59 -32.64 -22.18
N VAL A 162 -18.77 -32.14 -22.57
CA VAL A 162 -18.91 -30.77 -23.04
C VAL A 162 -18.44 -29.81 -21.94
N THR A 163 -18.76 -30.14 -20.69
CA THR A 163 -18.36 -29.30 -19.57
C THR A 163 -16.82 -29.10 -19.42
N LEU A 164 -16.05 -30.19 -19.65
CA LEU A 164 -14.61 -30.12 -19.59
C LEU A 164 -14.03 -29.07 -20.51
N TRP A 165 -14.63 -28.93 -21.68
CA TRP A 165 -14.17 -27.99 -22.68
C TRP A 165 -13.95 -26.56 -22.18
N TYR A 166 -14.67 -26.19 -21.13
CA TYR A 166 -14.67 -24.84 -20.61
C TYR A 166 -14.12 -24.72 -19.21
N ARG A 167 -13.45 -25.76 -18.75
CA ARG A 167 -12.93 -25.79 -17.39
C ARG A 167 -11.51 -25.33 -17.34
N ALA A 168 -11.20 -24.43 -16.42
CA ALA A 168 -9.85 -23.92 -16.29
C ALA A 168 -8.85 -24.99 -15.85
N PRO A 169 -7.61 -24.81 -16.25
CA PRO A 169 -6.53 -25.73 -15.92
C PRO A 169 -6.41 -25.95 -14.42
N ASP A 170 -6.48 -24.87 -13.62
CA ASP A 170 -6.29 -25.03 -12.20
C ASP A 170 -7.39 -25.90 -11.59
N VAL A 171 -8.59 -25.81 -12.14
CA VAL A 171 -9.68 -26.62 -11.66
C VAL A 171 -9.46 -28.08 -12.07
N LEU A 172 -9.07 -28.34 -13.31
CA LEU A 172 -8.74 -29.69 -13.75
C LEU A 172 -7.59 -30.27 -12.91
N MET A 173 -6.74 -29.43 -12.35
CA MET A 173 -5.64 -29.90 -11.53
C MET A 173 -5.94 -29.95 -10.04
N GLY A 174 -7.23 -29.95 -9.67
CA GLY A 174 -7.65 -30.16 -8.30
C GLY A 174 -7.92 -28.98 -7.39
N SER A 175 -7.89 -27.76 -7.91
CA SER A 175 -8.21 -26.61 -7.07
C SER A 175 -9.67 -26.62 -6.69
N LYS A 176 -9.97 -26.10 -5.51
CA LYS A 176 -11.35 -26.03 -4.99
C LYS A 176 -11.58 -24.65 -4.40
N LYS A 177 -10.78 -23.67 -4.77
CA LYS A 177 -10.92 -22.32 -4.24
C LYS A 177 -12.13 -21.63 -4.83
N TYR A 178 -12.60 -20.57 -4.16
CA TYR A 178 -13.72 -19.75 -4.62
C TYR A 178 -13.05 -18.75 -5.49
N SER A 179 -13.38 -18.66 -6.80
CA SER A 179 -12.75 -17.60 -7.58
C SER A 179 -13.56 -17.12 -8.76
N THR A 180 -13.48 -15.88 -9.05
CA THR A 180 -14.10 -15.33 -10.23
C THR A 180 -13.33 -15.68 -11.49
N THR A 181 -12.09 -16.15 -11.31
CA THR A 181 -11.20 -16.41 -12.44
C THR A 181 -11.67 -17.60 -13.24
N ILE A 182 -12.36 -18.50 -12.59
CA ILE A 182 -12.87 -19.71 -13.24
C ILE A 182 -13.86 -19.36 -14.35
N ASP A 183 -14.68 -18.37 -14.11
CA ASP A 183 -15.65 -17.96 -15.08
C ASP A 183 -14.98 -17.25 -16.29
N ILE A 184 -13.97 -16.46 -16.03
CA ILE A 184 -13.29 -15.74 -17.10
C ILE A 184 -12.62 -16.69 -18.11
N TRP A 185 -12.01 -17.78 -17.62
CA TRP A 185 -11.47 -18.81 -18.51
C TRP A 185 -12.58 -19.31 -19.45
N SER A 186 -13.75 -19.65 -18.87
CA SER A 186 -14.86 -20.13 -19.68
C SER A 186 -15.23 -19.10 -20.77
N VAL A 187 -15.23 -17.82 -20.44
CA VAL A 187 -15.52 -16.79 -21.43
C VAL A 187 -14.53 -16.85 -22.61
N GLY A 188 -13.26 -17.01 -22.29
CA GLY A 188 -12.22 -17.16 -23.26
C GLY A 188 -12.43 -18.29 -24.22
N CYS A 189 -12.83 -19.42 -23.68
CA CYS A 189 -13.14 -20.58 -24.47
C CYS A 189 -14.34 -20.32 -25.34
N ILE A 190 -15.33 -19.66 -24.77
CA ILE A 190 -16.55 -19.31 -25.51
C ILE A 190 -16.19 -18.30 -26.63
N PHE A 191 -15.31 -17.39 -26.34
CA PHE A 191 -14.89 -16.35 -27.30
C PHE A 191 -14.24 -17.02 -28.51
N ALA A 192 -13.29 -17.90 -28.24
CA ALA A 192 -12.59 -18.65 -29.26
C ALA A 192 -13.52 -19.48 -30.09
N GLU A 193 -14.50 -20.12 -29.43
CA GLU A 193 -15.48 -20.90 -30.13
C GLU A 193 -16.37 -20.07 -31.05
N MET A 194 -16.78 -18.90 -30.65
CA MET A 194 -17.58 -18.01 -31.57
C MET A 194 -16.75 -17.61 -32.81
N VAL A 195 -15.45 -17.41 -32.65
CA VAL A 195 -14.63 -17.05 -33.81
C VAL A 195 -14.32 -18.23 -34.73
N ASN A 196 -14.10 -19.41 -34.16
CA ASN A 196 -13.69 -20.59 -34.93
C ASN A 196 -14.79 -21.52 -35.40
N GLY A 197 -15.88 -21.59 -34.66
CA GLY A 197 -16.94 -22.48 -35.07
C GLY A 197 -16.77 -23.86 -34.47
N ALA A 198 -15.82 -24.03 -33.58
CA ALA A 198 -15.60 -25.30 -32.90
C ALA A 198 -14.94 -25.03 -31.56
N PRO A 199 -15.16 -25.90 -30.60
CA PRO A 199 -14.60 -25.68 -29.29
C PRO A 199 -13.11 -25.63 -29.38
N LEU A 200 -12.46 -24.74 -28.64
CA LEU A 200 -10.99 -24.62 -28.75
C LEU A 200 -10.29 -25.85 -28.19
N PHE A 201 -10.78 -26.37 -27.06
CA PHE A 201 -10.13 -27.52 -26.40
C PHE A 201 -11.10 -28.65 -26.17
N PRO A 202 -11.37 -29.51 -27.17
CA PRO A 202 -12.35 -30.58 -26.99
C PRO A 202 -11.80 -31.89 -26.42
N GLY A 203 -11.48 -31.92 -25.14
CA GLY A 203 -10.98 -33.11 -24.46
C GLY A 203 -12.08 -34.10 -24.12
N VAL A 204 -11.68 -35.34 -23.84
CA VAL A 204 -12.64 -36.39 -23.50
C VAL A 204 -12.55 -36.83 -22.05
N SER A 205 -11.55 -36.30 -21.36
CA SER A 205 -11.31 -36.59 -19.94
C SER A 205 -10.57 -35.43 -19.38
N GLU A 206 -10.46 -35.36 -18.07
CA GLU A 206 -9.74 -34.31 -17.40
C GLU A 206 -8.31 -34.23 -17.87
N ALA A 207 -7.62 -35.37 -17.90
CA ALA A 207 -6.22 -35.41 -18.25
C ALA A 207 -6.04 -35.01 -19.69
N ASP A 208 -6.89 -35.55 -20.54
CA ASP A 208 -6.87 -35.24 -21.96
C ASP A 208 -7.14 -33.72 -22.14
N GLN A 209 -8.08 -33.20 -21.37
CA GLN A 209 -8.43 -31.79 -21.42
C GLN A 209 -7.21 -30.95 -21.09
N LEU A 210 -6.50 -31.28 -20.03
CA LEU A 210 -5.32 -30.49 -19.66
C LEU A 210 -4.26 -30.50 -20.76
N MET A 211 -4.07 -31.65 -21.39
CA MET A 211 -3.06 -31.75 -22.44
C MET A 211 -3.48 -30.96 -23.67
N ARG A 212 -4.76 -31.01 -24.03
CA ARG A 212 -5.19 -30.25 -25.18
C ARG A 212 -4.93 -28.77 -24.91
N ILE A 213 -5.13 -28.34 -23.68
CA ILE A 213 -4.86 -26.96 -23.34
C ILE A 213 -3.40 -26.59 -23.47
N PHE A 214 -2.52 -27.37 -22.86
CA PHE A 214 -1.08 -27.12 -22.90
C PHE A 214 -0.46 -27.22 -24.29
N ARG A 215 -1.06 -28.02 -25.15
CA ARG A 215 -0.58 -28.25 -26.48
C ARG A 215 -0.75 -27.03 -27.33
N ILE A 216 -1.70 -26.16 -26.96
CA ILE A 216 -1.97 -24.94 -27.67
C ILE A 216 -1.39 -23.71 -26.98
N LEU A 217 -1.52 -23.64 -25.66
CA LEU A 217 -1.10 -22.44 -24.91
C LEU A 217 0.25 -22.58 -24.25
N GLY A 218 0.83 -23.76 -24.30
CA GLY A 218 2.11 -24.02 -23.65
C GLY A 218 1.90 -24.67 -22.30
N THR A 219 2.86 -25.51 -21.89
CA THR A 219 2.86 -26.12 -20.56
C THR A 219 3.26 -25.10 -19.50
N PRO A 220 2.74 -25.20 -18.27
CA PRO A 220 3.08 -24.27 -17.21
C PRO A 220 4.52 -24.36 -16.79
N ASN A 221 5.02 -23.29 -16.21
CA ASN A 221 6.39 -23.23 -15.71
C ASN A 221 6.54 -22.09 -14.69
N SER A 222 7.72 -21.99 -14.09
CA SER A 222 8.03 -20.98 -13.07
C SER A 222 7.63 -19.56 -13.49
N LYS A 223 7.99 -19.17 -14.70
CA LYS A 223 7.68 -17.83 -15.19
C LYS A 223 6.20 -17.61 -15.50
N ASN A 224 5.57 -18.51 -16.27
CA ASN A 224 4.18 -18.31 -16.63
C ASN A 224 3.16 -18.71 -15.55
N TRP A 225 3.57 -19.44 -14.54
CA TRP A 225 2.63 -19.88 -13.51
C TRP A 225 3.30 -20.27 -12.19
N PRO A 226 3.81 -19.29 -11.46
CA PRO A 226 4.42 -19.58 -10.16
C PRO A 226 3.40 -20.20 -9.23
N ASN A 227 3.81 -21.19 -8.47
CA ASN A 227 2.92 -21.82 -7.53
C ASN A 227 1.96 -22.80 -8.15
N VAL A 228 2.02 -22.99 -9.47
CA VAL A 228 1.21 -24.04 -10.09
C VAL A 228 1.54 -25.36 -9.36
N THR A 229 2.76 -25.48 -8.87
CA THR A 229 3.20 -26.66 -8.14
C THR A 229 2.43 -26.96 -6.87
N GLU A 230 1.65 -26.02 -6.38
CA GLU A 230 0.86 -26.26 -5.18
C GLU A 230 -0.44 -27.01 -5.47
N LEU A 231 -0.79 -27.16 -6.74
CA LEU A 231 -2.04 -27.83 -7.10
C LEU A 231 -1.89 -29.31 -6.90
N PRO A 232 -2.91 -29.94 -6.34
CA PRO A 232 -2.91 -31.37 -6.03
C PRO A 232 -2.59 -32.32 -7.19
N LYS A 233 -3.11 -32.07 -8.39
CA LYS A 233 -2.83 -32.97 -9.51
C LYS A 233 -1.77 -32.43 -10.44
N TYR A 234 -1.01 -31.43 -10.01
CA TYR A 234 0.10 -30.96 -10.83
C TYR A 234 1.20 -32.03 -10.87
N ASP A 235 1.92 -32.08 -11.98
CA ASP A 235 3.00 -33.04 -12.20
C ASP A 235 4.14 -32.33 -12.89
N PRO A 236 5.31 -32.32 -12.26
CA PRO A 236 6.45 -31.66 -12.85
C PRO A 236 6.89 -32.40 -14.10
N ASN A 237 6.40 -33.62 -14.28
CA ASN A 237 6.76 -34.46 -15.42
C ASN A 237 5.87 -34.23 -16.67
N PHE A 238 5.12 -33.12 -16.71
CA PHE A 238 4.30 -32.81 -17.87
C PHE A 238 5.17 -32.65 -19.11
N THR A 239 4.83 -33.33 -20.19
CA THR A 239 5.56 -33.16 -21.44
C THR A 239 5.51 -31.68 -21.77
N VAL A 240 6.66 -31.10 -22.03
CA VAL A 240 6.73 -29.69 -22.32
C VAL A 240 6.25 -29.31 -23.69
N TYR A 241 5.46 -28.24 -23.78
CA TYR A 241 4.96 -27.70 -25.04
C TYR A 241 5.15 -26.22 -25.05
N GLU A 242 5.59 -25.67 -26.18
CA GLU A 242 5.72 -24.23 -26.35
C GLU A 242 4.39 -23.70 -26.88
N PRO A 243 4.04 -22.49 -26.50
CA PRO A 243 2.81 -21.86 -26.96
C PRO A 243 2.75 -21.63 -28.47
N LEU A 244 1.59 -21.77 -29.05
CA LEU A 244 1.39 -21.56 -30.45
C LEU A 244 1.09 -20.10 -30.66
N PRO A 245 1.47 -19.56 -31.80
CA PRO A 245 1.13 -18.18 -32.13
C PRO A 245 -0.40 -17.99 -32.12
N TRP A 246 -0.89 -16.94 -31.49
CA TRP A 246 -2.32 -16.71 -31.37
C TRP A 246 -3.05 -16.74 -32.70
N GLU A 247 -2.40 -16.20 -33.75
CA GLU A 247 -2.98 -16.16 -35.10
C GLU A 247 -3.18 -17.52 -35.71
N SER A 248 -2.38 -18.50 -35.30
CA SER A 248 -2.47 -19.84 -35.85
C SER A 248 -3.76 -20.58 -35.46
N PHE A 249 -4.34 -20.27 -34.30
CA PHE A 249 -5.55 -20.96 -33.89
C PHE A 249 -6.72 -20.01 -33.67
N LEU A 250 -6.60 -18.76 -34.10
CA LEU A 250 -7.70 -17.79 -34.00
C LEU A 250 -7.95 -17.06 -35.32
N LYS A 251 -8.49 -17.85 -36.26
CA LYS A 251 -9.01 -17.45 -37.57
C LYS A 251 -9.30 -16.02 -37.80
N GLY A 252 -8.38 -15.29 -38.42
CA GLY A 252 -8.56 -13.86 -38.64
C GLY A 252 -9.44 -13.08 -37.67
N LEU A 253 -9.34 -13.38 -36.39
CA LEU A 253 -10.04 -12.62 -35.36
C LEU A 253 -9.90 -11.10 -35.65
N ASP A 254 -8.92 -10.43 -35.06
CA ASP A 254 -8.56 -9.03 -35.30
C ASP A 254 -7.55 -8.74 -34.18
N GLU A 255 -6.76 -7.70 -34.34
CA GLU A 255 -5.67 -7.41 -33.38
C GLU A 255 -6.18 -7.27 -31.90
N SER A 256 -7.11 -6.37 -31.70
CA SER A 256 -7.69 -6.14 -30.41
C SER A 256 -8.43 -7.38 -29.84
N GLY A 257 -9.06 -8.15 -30.71
CA GLY A 257 -9.75 -9.35 -30.34
C GLY A 257 -8.81 -10.42 -29.81
N ILE A 258 -7.72 -10.63 -30.51
CA ILE A 258 -6.69 -11.57 -30.08
C ILE A 258 -6.09 -11.17 -28.73
N ASP A 259 -5.83 -9.88 -28.57
CA ASP A 259 -5.25 -9.36 -27.35
C ASP A 259 -6.19 -9.64 -26.16
N LEU A 260 -7.44 -9.25 -26.29
CA LEU A 260 -8.41 -9.46 -25.24
C LEU A 260 -8.49 -10.95 -24.90
N LEU A 261 -8.65 -11.77 -25.91
CA LEU A 261 -8.69 -13.21 -25.76
C LEU A 261 -7.45 -13.74 -25.04
N SER A 262 -6.27 -13.26 -25.45
CA SER A 262 -5.04 -13.68 -24.76
C SER A 262 -5.06 -13.34 -23.26
N LYS A 263 -5.79 -12.32 -22.87
CA LYS A 263 -5.85 -11.96 -21.45
C LYS A 263 -6.79 -12.88 -20.67
N MET A 264 -7.71 -13.51 -21.37
CA MET A 264 -8.69 -14.40 -20.74
C MET A 264 -8.12 -15.80 -20.53
N LEU A 265 -7.31 -16.22 -21.46
CA LEU A 265 -6.76 -17.56 -21.44
C LEU A 265 -5.31 -17.58 -20.88
N LYS A 266 -4.99 -16.69 -19.95
CA LYS A 266 -3.78 -16.76 -19.19
C LYS A 266 -3.96 -17.99 -18.28
N LEU A 267 -2.92 -18.81 -18.15
CA LEU A 267 -3.01 -20.02 -17.35
C LEU A 267 -3.05 -19.72 -15.88
N ASP A 268 -2.28 -18.72 -15.48
CA ASP A 268 -2.23 -18.29 -14.10
C ASP A 268 -3.53 -17.51 -13.77
N PRO A 269 -4.36 -18.04 -12.89
CA PRO A 269 -5.63 -17.40 -12.52
C PRO A 269 -5.43 -15.96 -12.06
N ASN A 270 -4.35 -15.73 -11.34
CA ASN A 270 -4.06 -14.42 -10.81
C ASN A 270 -3.65 -13.39 -11.85
N GLN A 271 -3.35 -13.81 -13.07
CA GLN A 271 -2.99 -12.83 -14.09
C GLN A 271 -4.10 -12.67 -15.09
N ARG A 272 -5.19 -13.40 -14.89
CA ARG A 272 -6.28 -13.39 -15.83
C ARG A 272 -7.06 -12.12 -15.71
N ILE A 273 -7.42 -11.55 -16.85
CA ILE A 273 -8.23 -10.32 -16.87
C ILE A 273 -9.56 -10.54 -16.14
N THR A 274 -10.09 -9.49 -15.52
CA THR A 274 -11.42 -9.59 -14.90
C THR A 274 -12.47 -9.20 -15.90
N ALA A 275 -13.72 -9.42 -15.55
CA ALA A 275 -14.85 -9.09 -16.43
C ALA A 275 -14.95 -7.61 -16.69
N LYS A 276 -14.82 -6.81 -15.65
CA LYS A 276 -14.88 -5.38 -15.77
C LYS A 276 -13.69 -4.79 -16.51
N GLN A 277 -12.47 -5.35 -16.31
CA GLN A 277 -11.30 -4.95 -17.12
C GLN A 277 -11.50 -5.30 -18.58
N ALA A 278 -12.04 -6.48 -18.85
CA ALA A 278 -12.33 -6.86 -20.20
C ALA A 278 -13.26 -5.84 -20.88
N LEU A 279 -14.25 -5.34 -20.15
CA LEU A 279 -15.20 -4.42 -20.71
C LEU A 279 -14.57 -3.09 -21.09
N GLU A 280 -13.37 -2.84 -20.59
CA GLU A 280 -12.65 -1.61 -20.87
C GLU A 280 -11.72 -1.71 -22.06
N HIS A 281 -11.62 -2.90 -22.63
CA HIS A 281 -10.69 -3.17 -23.70
C HIS A 281 -11.05 -2.47 -24.99
N ALA A 282 -10.02 -2.08 -25.75
CA ALA A 282 -10.17 -1.37 -27.01
C ALA A 282 -11.04 -2.14 -27.98
N TYR A 283 -11.11 -3.46 -27.81
CA TYR A 283 -11.95 -4.31 -28.65
C TYR A 283 -13.41 -3.81 -28.74
N PHE A 284 -13.95 -3.40 -27.62
CA PHE A 284 -15.34 -2.98 -27.59
C PHE A 284 -15.54 -1.50 -27.96
N LYS A 285 -14.46 -0.76 -28.12
CA LYS A 285 -14.56 0.62 -28.54
C LYS A 285 -14.44 0.71 -30.06
N GLU A 286 -14.01 -0.36 -30.68
CA GLU A 286 -13.81 -0.42 -32.13
C GLU A 286 -15.09 -0.82 -32.89
N ASN A 287 -15.38 -0.26 -33.96
N LYS B 3 24.97 31.25 -9.81
CA LYS B 3 25.33 30.26 -10.87
C LYS B 3 26.10 29.09 -10.27
N TYR B 4 25.36 28.08 -9.85
CA TYR B 4 25.92 26.80 -9.44
C TYR B 4 25.61 25.65 -10.37
N HIS B 5 26.53 24.70 -10.47
CA HIS B 5 26.34 23.52 -11.30
C HIS B 5 26.68 22.27 -10.49
N GLY B 6 26.21 21.11 -10.95
CA GLY B 6 26.48 19.85 -10.28
C GLY B 6 25.57 19.68 -9.07
N LEU B 7 24.44 20.37 -9.10
CA LEU B 7 23.46 20.29 -8.02
C LEU B 7 23.19 18.85 -7.60
N GLU B 8 23.55 18.51 -6.36
CA GLU B 8 23.36 17.16 -5.82
C GLU B 8 22.73 17.19 -4.41
N LYS B 9 21.65 16.42 -4.23
CA LYS B 9 20.98 16.33 -2.93
C LYS B 9 21.81 15.53 -1.95
N ILE B 10 22.08 16.11 -0.78
CA ILE B 10 22.90 15.41 0.20
C ILE B 10 22.15 15.05 1.48
N GLY B 11 20.97 15.63 1.68
CA GLY B 11 20.20 15.30 2.86
C GLY B 11 19.01 16.19 3.06
N GLU B 12 18.24 15.89 4.10
CA GLU B 12 17.07 16.69 4.46
C GLU B 12 17.42 17.56 5.65
N GLY B 13 17.20 18.85 5.49
CA GLY B 13 17.50 19.81 6.53
C GLY B 13 16.28 20.19 7.32
N THR B 14 16.51 20.96 8.38
CA THR B 14 15.45 21.34 9.26
C THR B 14 14.37 22.13 8.56
N TYR B 15 14.76 22.92 7.58
CA TYR B 15 13.80 23.79 6.88
C TYR B 15 13.59 23.41 5.44
N GLY B 16 14.26 22.37 5.00
CA GLY B 16 14.10 21.93 3.63
C GLY B 16 15.17 20.98 3.18
N VAL B 17 15.25 20.83 1.85
CA VAL B 17 16.21 19.94 1.23
C VAL B 17 17.59 20.61 1.17
N VAL B 18 18.62 19.83 1.47
CA VAL B 18 19.98 20.33 1.48
C VAL B 18 20.74 19.77 0.29
N TYR B 19 21.38 20.65 -0.48
CA TYR B 19 22.13 20.22 -1.66
C TYR B 19 23.59 20.65 -1.60
N LYS B 20 24.34 20.11 -2.57
CA LYS B 20 25.75 20.34 -2.75
C LYS B 20 25.89 20.92 -4.15
N ALA B 21 26.76 21.91 -4.32
CA ALA B 21 26.95 22.52 -5.62
C ALA B 21 28.33 23.18 -5.77
N GLN B 22 28.67 23.54 -7.00
CA GLN B 22 29.92 24.19 -7.29
C GLN B 22 29.69 25.50 -7.98
N ASN B 23 30.50 26.48 -7.60
CA ASN B 23 30.45 27.80 -8.19
C ASN B 23 31.46 27.89 -9.33
N ASN B 24 31.37 28.96 -10.12
CA ASN B 24 32.29 29.19 -11.24
C ASN B 24 33.74 29.06 -10.81
N TYR B 25 34.04 29.43 -9.57
CA TYR B 25 35.43 29.36 -9.08
C TYR B 25 35.88 27.96 -8.74
N GLY B 26 35.04 26.96 -9.04
CA GLY B 26 35.37 25.55 -8.82
C GLY B 26 35.23 25.08 -7.38
N GLU B 27 34.63 25.92 -6.55
CA GLU B 27 34.49 25.60 -5.13
C GLU B 27 33.11 25.02 -4.78
N THR B 28 33.09 24.04 -3.87
CA THR B 28 31.87 23.44 -3.36
C THR B 28 31.16 24.33 -2.36
N PHE B 29 29.83 24.26 -2.34
CA PHE B 29 28.97 24.99 -1.40
C PHE B 29 27.73 24.15 -1.08
N ALA B 30 27.12 24.41 0.06
CA ALA B 30 25.91 23.72 0.46
C ALA B 30 24.75 24.68 0.27
N LEU B 31 23.73 24.26 -0.47
CA LEU B 31 22.55 25.12 -0.71
C LEU B 31 21.34 24.52 0.03
N LYS B 32 20.74 25.37 0.86
CA LYS B 32 19.62 24.99 1.68
C LYS B 32 18.39 25.67 1.10
N LYS B 33 17.43 24.84 0.65
CA LYS B 33 16.19 25.34 0.09
C LYS B 33 15.19 25.46 1.24
N ILE B 34 14.52 26.60 1.34
CA ILE B 34 13.55 26.82 2.41
C ILE B 34 12.14 26.61 1.87
N ILE B 48 13.41 38.70 5.46
CA ILE B 48 14.55 38.76 4.56
C ILE B 48 15.71 39.50 5.20
N ARG B 49 15.48 40.73 5.62
CA ARG B 49 16.51 41.52 6.28
C ARG B 49 17.09 40.75 7.45
N GLU B 50 16.30 39.87 8.02
CA GLU B 50 16.76 39.07 9.16
C GLU B 50 17.74 38.01 8.67
N ILE B 51 17.39 37.35 7.58
CA ILE B 51 18.23 36.30 7.00
C ILE B 51 19.52 36.91 6.52
N SER B 52 19.40 38.02 5.81
CA SER B 52 20.55 38.73 5.25
C SER B 52 21.57 39.12 6.31
N ILE B 53 21.13 39.84 7.32
CA ILE B 53 22.01 40.29 8.39
C ILE B 53 22.84 39.14 8.95
N LEU B 54 22.49 37.89 8.68
CA LEU B 54 23.23 36.71 9.19
C LEU B 54 24.55 36.51 8.44
N LYS B 55 24.73 37.25 7.34
CA LYS B 55 25.98 37.17 6.59
C LYS B 55 27.14 37.73 7.39
N GLU B 56 26.87 38.62 8.34
CA GLU B 56 27.95 39.20 9.16
C GLU B 56 28.41 38.27 10.28
N LEU B 57 27.90 37.03 10.34
CA LEU B 57 28.35 36.07 11.33
C LEU B 57 29.60 35.37 10.83
N LYS B 58 30.78 35.87 11.21
CA LYS B 58 32.03 35.27 10.76
C LYS B 58 32.77 34.78 12.02
N HIS B 59 32.97 33.49 12.16
CA HIS B 59 33.59 32.91 13.36
C HIS B 59 33.96 31.49 13.11
N SER B 60 35.23 31.19 13.06
CA SER B 60 35.65 29.82 12.77
C SER B 60 34.68 28.69 13.20
N ASN B 61 33.78 28.96 14.15
CA ASN B 61 32.89 27.88 14.61
C ASN B 61 31.43 28.09 14.24
N ILE B 62 31.16 28.95 13.26
CA ILE B 62 29.82 29.20 12.77
C ILE B 62 29.77 28.97 11.26
N VAL B 63 28.84 28.13 10.79
CA VAL B 63 28.69 27.87 9.37
C VAL B 63 28.47 29.18 8.65
N LYS B 64 29.39 29.54 7.77
CA LYS B 64 29.31 30.81 7.06
C LYS B 64 28.17 30.88 6.03
N LEU B 65 27.40 31.93 6.08
CA LEU B 65 26.36 32.16 5.10
C LEU B 65 26.97 33.00 3.97
N TYR B 66 27.04 32.44 2.76
CA TYR B 66 27.61 33.16 1.62
C TYR B 66 26.57 34.05 0.94
N ASP B 67 25.47 33.48 0.51
CA ASP B 67 24.46 34.24 -0.19
C ASP B 67 23.06 33.82 0.22
N VAL B 68 22.09 34.67 -0.13
CA VAL B 68 20.69 34.44 0.19
C VAL B 68 19.85 34.68 -1.06
N ILE B 69 19.74 33.66 -1.90
CA ILE B 69 19.00 33.76 -3.16
C ILE B 69 17.49 33.65 -2.96
N HIS B 70 16.77 34.64 -3.50
CA HIS B 70 15.32 34.67 -3.44
C HIS B 70 14.77 34.66 -4.87
N THR B 71 14.28 33.51 -5.34
CA THR B 71 13.73 33.42 -6.71
C THR B 71 12.30 32.93 -6.76
N LYS B 72 11.40 33.74 -7.33
CA LYS B 72 10.00 33.38 -7.50
C LYS B 72 9.50 32.47 -6.36
N LYS B 73 9.28 33.08 -5.20
CA LYS B 73 8.85 32.35 -4.00
C LYS B 73 9.63 31.07 -3.72
N ARG B 74 10.96 31.16 -3.75
CA ARG B 74 11.80 29.98 -3.55
C ARG B 74 13.11 30.43 -2.92
N LEU B 75 13.10 30.56 -1.60
CA LEU B 75 14.25 31.03 -0.86
C LEU B 75 15.34 29.97 -0.78
N VAL B 76 16.59 30.38 -1.00
CA VAL B 76 17.71 29.45 -0.91
C VAL B 76 18.88 30.11 -0.21
N LEU B 77 19.54 29.36 0.66
CA LEU B 77 20.71 29.86 1.36
C LEU B 77 21.94 29.12 0.88
N VAL B 78 23.00 29.88 0.64
CA VAL B 78 24.26 29.34 0.21
C VAL B 78 25.22 29.45 1.36
N PHE B 79 25.60 28.32 1.94
CA PHE B 79 26.47 28.26 3.11
C PHE B 79 27.70 27.48 2.77
N GLU B 80 28.73 27.59 3.58
CA GLU B 80 29.89 26.75 3.39
C GLU B 80 29.44 25.33 3.64
N HIS B 81 30.13 24.38 3.03
CA HIS B 81 29.78 22.97 3.09
C HIS B 81 30.78 22.22 3.93
N LEU B 82 30.30 21.20 4.62
CA LEU B 82 31.14 20.33 5.42
C LEU B 82 30.55 18.91 5.37
N ASP B 83 31.43 17.92 5.26
CA ASP B 83 31.09 16.50 5.03
C ASP B 83 30.41 15.70 6.12
N GLN B 84 30.69 15.99 7.37
CA GLN B 84 30.09 15.21 8.45
C GLN B 84 29.41 16.09 9.47
N ASP B 85 28.78 15.46 10.44
CA ASP B 85 28.14 16.19 11.54
C ASP B 85 28.31 15.35 12.80
N LEU B 86 28.01 15.95 13.95
CA LEU B 86 28.15 15.28 15.22
C LEU B 86 27.31 14.00 15.30
N LYS B 87 26.14 13.99 14.66
CA LYS B 87 25.28 12.80 14.72
C LYS B 87 25.95 11.60 14.05
N LYS B 88 26.56 11.82 12.89
CA LYS B 88 27.28 10.76 12.18
C LYS B 88 28.38 10.16 13.03
N LEU B 89 29.18 11.04 13.63
CA LEU B 89 30.29 10.62 14.47
C LEU B 89 29.81 9.83 15.66
N LEU B 90 28.65 10.20 16.22
CA LEU B 90 28.10 9.49 17.39
C LEU B 90 27.46 8.17 17.04
N ASP B 91 26.84 8.12 15.87
CA ASP B 91 26.17 6.92 15.37
C ASP B 91 27.16 5.78 15.03
N VAL B 92 28.46 6.08 14.94
CA VAL B 92 29.47 5.07 14.61
C VAL B 92 30.35 4.79 15.82
N CYS B 93 30.14 5.54 16.88
CA CYS B 93 30.92 5.34 18.10
C CYS B 93 30.06 4.61 19.12
N GLU B 94 30.66 3.67 19.82
CA GLU B 94 29.92 2.97 20.85
C GLU B 94 30.42 3.39 22.23
N GLY B 95 29.47 3.66 23.14
CA GLY B 95 29.79 4.07 24.49
C GLY B 95 30.24 5.51 24.63
N GLY B 96 30.06 6.29 23.57
CA GLY B 96 30.41 7.71 23.64
C GLY B 96 31.74 8.03 23.03
N LEU B 97 32.03 9.31 22.89
CA LEU B 97 33.27 9.75 22.27
C LEU B 97 34.47 9.65 23.20
N GLU B 98 35.65 9.72 22.62
CA GLU B 98 36.87 9.76 23.40
C GLU B 98 36.92 11.10 24.19
N SER B 99 37.01 11.00 25.50
CA SER B 99 37.03 12.17 26.36
C SER B 99 37.64 13.39 25.69
N VAL B 100 38.86 13.26 25.22
CA VAL B 100 39.60 14.37 24.62
C VAL B 100 38.91 14.93 23.38
N THR B 101 38.10 14.12 22.72
CA THR B 101 37.42 14.58 21.52
C THR B 101 36.15 15.33 21.92
N ALA B 102 35.42 14.80 22.88
CA ALA B 102 34.21 15.43 23.33
C ALA B 102 34.53 16.81 23.89
N LYS B 103 35.67 16.93 24.55
CA LYS B 103 36.09 18.21 25.12
C LYS B 103 36.35 19.23 24.04
N SER B 104 37.04 18.79 22.98
CA SER B 104 37.34 19.66 21.86
C SER B 104 36.06 20.18 21.20
N PHE B 105 35.13 19.28 20.88
CA PHE B 105 33.87 19.66 20.27
C PHE B 105 33.09 20.61 21.21
N LEU B 106 33.08 20.29 22.50
CA LEU B 106 32.42 21.16 23.50
C LEU B 106 32.95 22.61 23.48
N LEU B 107 34.27 22.74 23.48
CA LEU B 107 34.95 24.03 23.43
C LEU B 107 34.59 24.83 22.19
N GLN B 108 34.57 24.16 21.05
CA GLN B 108 34.28 24.80 19.77
C GLN B 108 32.81 25.22 19.67
N LEU B 109 31.93 24.37 20.17
CA LEU B 109 30.51 24.65 20.24
C LEU B 109 30.27 25.90 21.13
N LEU B 110 30.86 25.90 22.30
CA LEU B 110 30.68 27.07 23.20
C LEU B 110 31.26 28.34 22.63
N ASN B 111 32.40 28.20 21.94
CA ASN B 111 33.00 29.40 21.32
C ASN B 111 32.10 29.97 20.26
N GLY B 112 31.46 29.10 19.47
CA GLY B 112 30.59 29.54 18.41
C GLY B 112 29.35 30.18 18.98
N ILE B 113 28.85 29.59 20.03
CA ILE B 113 27.69 30.12 20.73
C ILE B 113 27.99 31.48 21.37
N ALA B 114 29.14 31.56 22.02
CA ALA B 114 29.57 32.79 22.67
C ALA B 114 29.57 33.97 21.70
N TYR B 115 30.16 33.73 20.52
CA TYR B 115 30.24 34.75 19.47
C TYR B 115 28.87 35.25 19.12
N CYS B 116 27.94 34.33 18.84
CA CYS B 116 26.59 34.69 18.46
C CYS B 116 25.78 35.34 19.60
N HIS B 117 25.87 34.78 20.79
CA HIS B 117 25.13 35.35 21.89
C HIS B 117 25.53 36.84 22.09
N ASP B 118 26.77 37.17 21.81
CA ASP B 118 27.20 38.57 22.00
C ASP B 118 26.52 39.48 20.98
N ARG B 119 26.05 38.90 19.88
CA ARG B 119 25.34 39.69 18.89
C ARG B 119 23.84 39.59 19.00
N ARG B 120 23.38 38.90 20.04
CA ARG B 120 21.94 38.67 20.26
C ARG B 120 21.31 37.78 19.22
N VAL B 121 22.04 36.80 18.72
CA VAL B 121 21.46 35.86 17.75
C VAL B 121 21.32 34.54 18.49
N LEU B 122 20.12 34.02 18.53
CA LEU B 122 19.85 32.79 19.22
C LEU B 122 19.71 31.68 18.21
N HIS B 123 19.96 30.45 18.69
CA HIS B 123 19.71 29.30 17.86
C HIS B 123 18.35 28.69 18.15
N ARG B 124 18.16 28.19 19.37
CA ARG B 124 16.87 27.59 19.83
C ARG B 124 16.61 26.15 19.40
N ASP B 125 17.48 25.59 18.58
CA ASP B 125 17.30 24.24 18.04
C ASP B 125 18.63 23.52 17.83
N LEU B 126 19.60 23.77 18.68
CA LEU B 126 20.86 23.08 18.56
C LEU B 126 20.64 21.58 18.71
N LYS B 127 21.36 20.79 17.93
CA LYS B 127 21.26 19.32 17.98
C LYS B 127 22.47 18.74 17.25
N PRO B 128 22.81 17.49 17.52
CA PRO B 128 23.96 16.86 16.87
C PRO B 128 23.99 17.00 15.36
N GLN B 129 22.83 17.04 14.72
CA GLN B 129 22.75 17.19 13.29
C GLN B 129 23.16 18.57 12.78
N ASN B 130 23.11 19.63 13.61
CA ASN B 130 23.54 20.96 13.10
C ASN B 130 24.91 21.38 13.60
N LEU B 131 25.60 20.44 14.21
CA LEU B 131 26.97 20.67 14.57
C LEU B 131 27.77 19.95 13.50
N LEU B 132 28.16 20.69 12.46
CA LEU B 132 28.90 20.15 11.34
C LEU B 132 30.37 19.99 11.73
N ILE B 133 31.00 18.90 11.28
CA ILE B 133 32.38 18.62 11.60
C ILE B 133 33.15 18.18 10.35
N ASN B 134 34.30 18.80 10.09
CA ASN B 134 35.10 18.47 8.92
C ASN B 134 36.13 17.41 9.29
N ARG B 135 37.05 17.12 8.38
CA ARG B 135 38.05 16.07 8.62
C ARG B 135 39.23 16.54 9.50
N GLU B 136 39.44 17.85 9.59
CA GLU B 136 40.51 18.33 10.47
C GLU B 136 40.04 18.24 11.92
N GLY B 137 38.79 17.80 12.12
CA GLY B 137 38.23 17.65 13.44
C GLY B 137 37.64 18.95 13.98
N GLU B 138 37.39 19.92 13.09
CA GLU B 138 36.82 21.19 13.49
C GLU B 138 35.30 21.09 13.52
N LEU B 139 34.66 21.99 14.28
CA LEU B 139 33.19 21.98 14.43
C LEU B 139 32.62 23.34 14.06
N LYS B 140 31.57 23.36 13.26
CA LYS B 140 30.91 24.60 12.86
C LYS B 140 29.43 24.42 13.01
N ILE B 141 28.77 25.35 13.67
CA ILE B 141 27.35 25.27 13.92
C ILE B 141 26.55 25.82 12.77
N ALA B 142 25.56 25.06 12.30
CA ALA B 142 24.65 25.48 11.23
C ALA B 142 23.33 25.92 11.81
N ASP B 143 22.70 26.90 11.15
CA ASP B 143 21.36 27.36 11.41
C ASP B 143 21.14 28.29 12.58
N PHE B 144 22.21 28.88 13.12
CA PHE B 144 22.07 30.01 14.03
C PHE B 144 21.23 31.12 13.39
N GLY B 145 20.39 31.78 14.16
CA GLY B 145 19.58 32.88 13.67
C GLY B 145 18.36 32.56 12.86
N LEU B 146 18.26 31.36 12.32
CA LEU B 146 17.12 31.04 11.46
C LEU B 146 15.81 30.90 12.23
N ALA B 147 15.87 30.35 13.43
CA ALA B 147 14.64 30.16 14.20
C ALA B 147 13.85 31.49 14.27
N ARG B 148 14.59 32.58 14.30
CA ARG B 148 14.00 33.89 14.37
C ARG B 148 13.27 34.34 13.10
N ALA B 149 13.66 33.83 11.94
CA ALA B 149 13.02 34.22 10.67
C ALA B 149 11.99 33.21 10.19
N PHE B 150 12.05 31.97 10.68
CA PHE B 150 11.12 30.92 10.26
C PHE B 150 10.72 30.06 11.45
N GLY B 151 10.50 28.78 11.22
CA GLY B 151 10.17 27.85 12.30
C GLY B 151 11.26 27.84 13.36
N VAL B 162 9.39 16.33 16.18
CA VAL B 162 10.26 17.26 15.48
C VAL B 162 11.38 17.59 16.42
N THR B 163 12.01 16.55 16.95
CA THR B 163 13.13 16.69 17.88
C THR B 163 12.92 17.67 19.05
N LEU B 164 12.29 17.17 20.12
CA LEU B 164 12.16 17.90 21.36
C LEU B 164 13.31 17.62 22.34
N TRP B 165 14.13 16.62 22.07
CA TRP B 165 15.15 16.16 23.02
C TRP B 165 16.08 17.18 23.64
N TYR B 166 16.21 18.35 23.01
CA TYR B 166 17.20 19.34 23.41
C TYR B 166 16.56 20.64 23.89
N ARG B 167 15.24 20.67 23.99
CA ARG B 167 14.52 21.86 24.42
C ARG B 167 14.52 22.00 25.94
N ALA B 168 14.63 23.23 26.38
CA ALA B 168 14.70 23.55 27.81
C ALA B 168 13.34 23.39 28.46
N PRO B 169 13.32 23.01 29.73
CA PRO B 169 12.07 22.76 30.42
C PRO B 169 11.16 23.96 30.32
N ASP B 170 11.70 25.17 30.47
CA ASP B 170 10.84 26.36 30.39
C ASP B 170 10.26 26.60 28.99
N VAL B 171 10.96 26.18 27.97
CA VAL B 171 10.50 26.34 26.59
C VAL B 171 9.28 25.40 26.38
N LEU B 172 9.41 24.18 26.85
CA LEU B 172 8.33 23.22 26.89
C LEU B 172 7.11 23.72 27.66
N MET B 173 7.32 24.46 28.75
CA MET B 173 6.21 24.99 29.53
C MET B 173 5.63 26.29 28.98
N GLY B 174 5.99 26.64 27.74
CA GLY B 174 5.34 27.78 27.08
C GLY B 174 6.05 29.12 27.11
N SER B 175 7.29 29.17 27.58
CA SER B 175 7.97 30.46 27.58
C SER B 175 8.30 30.83 26.12
N LYS B 176 8.12 32.09 25.77
CA LYS B 176 8.43 32.55 24.42
C LYS B 176 9.42 33.70 24.40
N LYS B 177 9.90 34.13 25.56
CA LYS B 177 10.78 35.29 25.64
C LYS B 177 12.15 34.99 25.05
N TYR B 178 12.77 36.08 24.51
CA TYR B 178 14.15 36.08 24.07
C TYR B 178 15.06 35.66 25.23
N SER B 179 15.90 34.66 25.02
CA SER B 179 16.84 34.26 26.07
C SER B 179 18.02 33.41 25.54
N THR B 180 19.22 33.72 25.96
CA THR B 180 20.39 32.96 25.60
C THR B 180 20.53 31.67 26.43
N THR B 181 19.69 31.49 27.42
CA THR B 181 19.80 30.34 28.33
C THR B 181 19.30 29.11 27.62
N ILE B 182 18.41 29.30 26.68
CA ILE B 182 17.83 28.20 25.91
C ILE B 182 18.88 27.35 25.23
N ASP B 183 19.89 27.98 24.59
CA ASP B 183 20.89 27.21 23.88
C ASP B 183 21.86 26.52 24.84
N ILE B 184 22.03 27.09 26.02
CA ILE B 184 23.00 26.49 26.96
C ILE B 184 22.46 25.16 27.49
N TRP B 185 21.14 25.04 27.54
CA TRP B 185 20.51 23.79 27.93
C TRP B 185 20.81 22.75 26.89
N SER B 186 20.62 23.12 25.65
CA SER B 186 20.92 22.18 24.55
C SER B 186 22.35 21.71 24.64
N VAL B 187 23.28 22.61 24.92
CA VAL B 187 24.68 22.25 25.01
C VAL B 187 24.83 21.23 26.11
N GLY B 188 24.14 21.45 27.22
CA GLY B 188 24.23 20.52 28.35
C GLY B 188 23.77 19.12 27.94
N CYS B 189 22.65 19.07 27.28
CA CYS B 189 22.14 17.80 26.78
C CYS B 189 23.09 17.16 25.76
N ILE B 190 23.82 17.97 25.00
CA ILE B 190 24.70 17.43 23.96
C ILE B 190 25.98 16.94 24.57
N PHE B 191 26.33 17.59 25.65
CA PHE B 191 27.54 17.28 26.35
C PHE B 191 27.34 15.88 26.89
N ALA B 192 26.19 15.65 27.50
CA ALA B 192 25.87 14.35 28.07
C ALA B 192 25.80 13.26 26.99
N GLU B 193 25.24 13.61 25.83
CA GLU B 193 25.11 12.66 24.73
C GLU B 193 26.52 12.26 24.29
N MET B 194 27.45 13.21 24.27
CA MET B 194 28.83 12.92 23.84
C MET B 194 29.63 12.05 24.82
N VAL B 195 29.15 11.85 26.05
CA VAL B 195 29.87 11.00 27.00
C VAL B 195 29.20 9.67 27.16
N ASN B 196 27.88 9.65 27.06
CA ASN B 196 27.09 8.44 27.23
C ASN B 196 26.80 7.71 25.90
N GLY B 197 27.18 8.31 24.77
CA GLY B 197 26.88 7.70 23.48
C GLY B 197 25.40 7.62 23.15
N ALA B 198 24.57 8.16 24.03
CA ALA B 198 23.13 8.15 23.80
C ALA B 198 22.50 9.45 24.37
N PRO B 199 21.37 9.87 23.81
CA PRO B 199 20.71 11.09 24.27
C PRO B 199 20.23 10.96 25.70
N LEU B 200 20.29 12.06 26.44
CA LEU B 200 19.89 12.06 27.84
C LEU B 200 18.40 12.07 28.00
N PHE B 201 17.68 12.91 27.25
CA PHE B 201 16.23 13.03 27.37
C PHE B 201 15.50 12.85 26.02
N PRO B 202 15.28 11.60 25.61
CA PRO B 202 14.56 11.30 24.37
C PRO B 202 13.06 11.25 24.47
N GLY B 203 12.46 12.39 24.68
CA GLY B 203 11.02 12.44 24.78
C GLY B 203 10.33 12.10 23.47
N VAL B 204 9.07 11.67 23.55
CA VAL B 204 8.27 11.35 22.37
C VAL B 204 7.17 12.34 22.22
N SER B 205 7.05 13.24 23.17
CA SER B 205 6.06 14.30 23.11
C SER B 205 6.54 15.38 24.09
N GLU B 206 6.00 16.57 23.97
CA GLU B 206 6.35 17.65 24.86
C GLU B 206 6.19 17.20 26.31
N ALA B 207 5.06 16.56 26.60
CA ALA B 207 4.74 16.09 27.94
C ALA B 207 5.77 15.12 28.42
N ASP B 208 6.10 14.16 27.59
CA ASP B 208 7.09 13.12 27.94
C ASP B 208 8.48 13.69 28.06
N GLN B 209 8.76 14.76 27.29
CA GLN B 209 10.10 15.36 27.29
C GLN B 209 10.35 16.07 28.66
N LEU B 210 9.31 16.65 29.22
CA LEU B 210 9.41 17.24 30.53
C LEU B 210 9.72 16.23 31.63
N MET B 211 8.97 15.15 31.69
CA MET B 211 9.12 14.15 32.76
C MET B 211 10.45 13.47 32.76
N ARG B 212 10.99 13.22 31.58
CA ARG B 212 12.30 12.64 31.49
C ARG B 212 13.35 13.56 32.12
N ILE B 213 13.12 14.85 32.02
CA ILE B 213 14.04 15.80 32.62
C ILE B 213 13.84 15.76 34.16
N PHE B 214 12.60 15.90 34.56
CA PHE B 214 12.24 15.90 35.99
C PHE B 214 12.57 14.59 36.72
N ARG B 215 12.57 13.46 36.00
CA ARG B 215 12.81 12.13 36.57
C ARG B 215 14.29 11.92 36.82
N ILE B 216 15.12 12.69 36.09
CA ILE B 216 16.55 12.61 36.27
C ILE B 216 17.09 13.75 37.14
N LEU B 217 16.65 14.99 36.90
CA LEU B 217 17.30 16.14 37.56
C LEU B 217 16.50 16.64 38.78
N GLY B 218 15.32 16.02 39.00
CA GLY B 218 14.44 16.35 40.07
C GLY B 218 13.31 17.23 39.57
N THR B 219 12.19 17.19 40.26
CA THR B 219 11.02 17.98 39.89
C THR B 219 11.21 19.40 40.38
N PRO B 220 10.83 20.36 39.57
CA PRO B 220 10.92 21.76 39.96
C PRO B 220 9.93 22.18 40.99
N ASN B 221 10.30 23.23 41.72
CA ASN B 221 9.45 23.83 42.73
C ASN B 221 9.94 25.25 42.95
N SER B 222 9.13 26.03 43.68
CA SER B 222 9.43 27.43 43.93
C SER B 222 10.68 27.64 44.78
N LYS B 223 11.31 26.56 45.24
CA LYS B 223 12.60 26.66 45.98
C LYS B 223 13.77 26.61 45.04
N ASN B 224 13.84 25.56 44.21
CA ASN B 224 14.94 25.44 43.26
C ASN B 224 14.71 26.27 42.00
N TRP B 225 13.50 26.77 41.80
CA TRP B 225 13.18 27.52 40.60
C TRP B 225 12.06 28.53 40.87
N PRO B 226 12.39 29.63 41.48
CA PRO B 226 11.41 30.65 41.79
C PRO B 226 10.75 31.20 40.54
N ASN B 227 9.45 31.44 40.62
CA ASN B 227 8.71 32.00 39.48
C ASN B 227 8.49 31.00 38.36
N VAL B 228 8.73 29.72 38.66
CA VAL B 228 8.45 28.68 37.69
C VAL B 228 6.93 28.67 37.44
N THR B 229 6.19 29.21 38.39
CA THR B 229 4.73 29.22 38.35
C THR B 229 4.17 30.19 37.37
N GLU B 230 5.00 31.10 36.87
CA GLU B 230 4.54 32.08 35.89
C GLU B 230 4.47 31.47 34.51
N LEU B 231 5.03 30.30 34.35
CA LEU B 231 5.02 29.64 33.05
C LEU B 231 3.59 29.19 32.71
N PRO B 232 3.15 29.47 31.49
CA PRO B 232 1.82 29.09 31.00
C PRO B 232 1.42 27.64 31.26
N LYS B 233 2.30 26.67 30.99
CA LYS B 233 1.99 25.26 31.20
C LYS B 233 2.58 24.67 32.48
N TYR B 234 3.00 25.50 33.43
CA TYR B 234 3.51 24.96 34.68
C TYR B 234 2.37 24.24 35.40
N ASP B 235 2.67 23.10 36.00
CA ASP B 235 1.65 22.30 36.69
C ASP B 235 1.98 22.13 38.16
N PRO B 236 1.26 22.82 39.02
CA PRO B 236 1.48 22.75 40.46
C PRO B 236 1.43 21.33 40.98
N ASN B 237 0.82 20.43 40.20
CA ASN B 237 0.67 19.02 40.58
C ASN B 237 1.76 18.09 40.02
N PHE B 238 2.71 18.60 39.26
CA PHE B 238 3.72 17.73 38.72
C PHE B 238 4.08 16.68 39.77
N THR B 239 4.35 15.47 39.33
CA THR B 239 4.75 14.44 40.25
C THR B 239 6.10 14.84 40.78
N VAL B 240 6.31 14.70 42.09
CA VAL B 240 7.58 15.05 42.68
C VAL B 240 8.60 13.96 42.55
N TYR B 241 9.70 14.27 41.86
CA TYR B 241 10.84 13.37 41.74
C TYR B 241 12.07 14.07 42.34
N GLU B 242 12.97 13.30 42.94
CA GLU B 242 14.19 13.83 43.48
C GLU B 242 15.27 13.70 42.43
N PRO B 243 16.29 14.54 42.48
CA PRO B 243 17.42 14.45 41.57
C PRO B 243 18.33 13.25 41.81
N LEU B 244 18.79 12.65 40.73
CA LEU B 244 19.68 11.51 40.84
C LEU B 244 21.10 12.00 40.91
N PRO B 245 21.96 11.23 41.57
CA PRO B 245 23.37 11.58 41.63
C PRO B 245 23.93 11.69 40.20
N TRP B 246 24.62 12.78 39.92
CA TRP B 246 25.16 13.06 38.59
C TRP B 246 25.95 11.85 38.07
N GLU B 247 26.87 11.36 38.89
CA GLU B 247 27.72 10.24 38.50
C GLU B 247 26.92 9.02 38.07
N SER B 248 25.71 8.87 38.58
CA SER B 248 24.92 7.70 38.26
C SER B 248 24.37 7.68 36.83
N PHE B 249 24.49 8.79 36.10
CA PHE B 249 23.98 8.83 34.73
C PHE B 249 24.93 9.56 33.79
N LEU B 250 26.19 9.67 34.21
CA LEU B 250 27.22 10.34 33.42
C LEU B 250 28.55 9.58 33.45
N LYS B 251 28.52 8.31 33.01
CA LYS B 251 29.71 7.45 32.99
C LYS B 251 30.90 8.12 32.36
N GLY B 252 32.10 7.76 32.82
CA GLY B 252 33.32 8.30 32.24
C GLY B 252 33.29 9.80 31.96
N LEU B 253 33.56 10.56 33.03
CA LEU B 253 33.62 12.02 32.98
C LEU B 253 34.09 12.46 34.36
N ASP B 254 35.22 13.17 34.40
CA ASP B 254 35.82 13.58 35.67
C ASP B 254 34.91 14.54 36.47
N GLU B 255 35.45 15.02 37.57
CA GLU B 255 34.73 15.92 38.45
C GLU B 255 34.44 17.23 37.76
N SER B 256 35.48 17.80 37.14
CA SER B 256 35.34 19.05 36.43
C SER B 256 34.23 18.94 35.42
N GLY B 257 34.28 17.91 34.59
CA GLY B 257 33.27 17.68 33.58
C GLY B 257 31.88 17.66 34.19
N ILE B 258 31.72 16.89 35.26
CA ILE B 258 30.44 16.74 35.91
C ILE B 258 29.97 18.10 36.41
N ASP B 259 30.90 18.85 36.99
CA ASP B 259 30.62 20.15 37.53
C ASP B 259 30.12 21.08 36.45
N LEU B 260 30.88 21.17 35.36
CA LEU B 260 30.50 22.03 34.26
C LEU B 260 29.11 21.62 33.76
N LEU B 261 28.91 20.32 33.52
CA LEU B 261 27.64 19.83 33.00
C LEU B 261 26.46 20.22 33.94
N SER B 262 26.68 20.12 35.25
CA SER B 262 25.68 20.50 36.23
C SER B 262 25.30 21.97 36.16
N LYS B 263 26.22 22.84 35.73
CA LYS B 263 25.91 24.27 35.62
C LYS B 263 25.03 24.57 34.43
N MET B 264 25.14 23.75 33.39
CA MET B 264 24.38 23.87 32.16
C MET B 264 23.00 23.29 32.31
N LEU B 265 22.88 22.25 33.12
CA LEU B 265 21.59 21.59 33.29
C LEU B 265 20.86 22.02 34.54
N LYS B 266 21.01 23.28 34.87
CA LYS B 266 20.22 23.90 35.94
C LYS B 266 18.88 24.23 35.33
N LEU B 267 17.79 23.91 36.01
CA LEU B 267 16.48 24.12 35.45
C LEU B 267 16.08 25.58 35.35
N ASP B 268 16.42 26.34 36.34
CA ASP B 268 16.13 27.74 36.39
C ASP B 268 17.04 28.45 35.40
N PRO B 269 16.45 29.07 34.39
CA PRO B 269 17.22 29.78 33.34
C PRO B 269 18.14 30.88 33.90
N ASN B 270 17.73 31.49 34.97
CA ASN B 270 18.48 32.56 35.57
C ASN B 270 19.71 32.12 36.34
N GLN B 271 19.83 30.83 36.62
CA GLN B 271 20.97 30.33 37.36
C GLN B 271 21.85 29.46 36.45
N ARG B 272 21.43 29.28 35.21
CA ARG B 272 22.21 28.47 34.23
C ARG B 272 23.44 29.24 33.77
N ILE B 273 24.57 28.54 33.68
CA ILE B 273 25.83 29.11 33.26
C ILE B 273 25.72 29.68 31.85
N THR B 274 26.47 30.73 31.57
CA THR B 274 26.49 31.30 30.23
C THR B 274 27.62 30.66 29.41
N ALA B 275 27.53 30.78 28.09
CA ALA B 275 28.56 30.24 27.21
C ALA B 275 29.96 30.71 27.68
N LYS B 276 30.15 32.03 27.82
CA LYS B 276 31.48 32.51 28.25
C LYS B 276 31.94 31.96 29.59
N GLN B 277 31.03 31.88 30.55
CA GLN B 277 31.40 31.37 31.86
C GLN B 277 31.90 29.99 31.66
N ALA B 278 31.14 29.22 30.87
CA ALA B 278 31.49 27.84 30.61
C ALA B 278 32.91 27.75 30.08
N LEU B 279 33.29 28.65 29.18
CA LEU B 279 34.65 28.64 28.61
C LEU B 279 35.73 28.89 29.66
N GLU B 280 35.42 29.63 30.71
CA GLU B 280 36.38 29.88 31.76
C GLU B 280 36.50 28.68 32.70
N HIS B 281 35.68 27.67 32.51
CA HIS B 281 35.68 26.52 33.43
C HIS B 281 36.98 25.71 33.45
N ALA B 282 37.17 25.00 34.56
CA ALA B 282 38.38 24.24 34.79
C ALA B 282 38.50 23.00 33.88
N TYR B 283 37.36 22.40 33.54
CA TYR B 283 37.31 21.22 32.67
C TYR B 283 38.16 21.46 31.43
N PHE B 284 38.16 22.70 30.94
CA PHE B 284 38.91 23.06 29.75
C PHE B 284 40.40 23.32 30.06
N LYS B 285 40.75 23.67 31.29
CA LYS B 285 42.16 23.89 31.62
C LYS B 285 42.88 22.57 31.91
N GLU B 286 42.12 21.50 32.06
CA GLU B 286 42.65 20.18 32.36
C GLU B 286 42.83 19.32 31.11
N ASN B 287 43.48 18.27 31.23
#